data_4HO3
#
_entry.id   4HO3
#
_cell.length_a   91.947
_cell.length_b   91.947
_cell.length_c   69.948
_cell.angle_alpha   90.000
_cell.angle_beta   90.000
_cell.angle_gamma   90.000
#
_symmetry.space_group_name_H-M   'P 42 21 2'
#
loop_
_entity.id
_entity.type
_entity.pdbx_description
1 polymer 'Glucose-1-phosphate thymidylyltransferase'
2 non-polymer "THYMIDINE-5'-TRIPHOSPHATE"
3 non-polymer 'SULFATE ION'
4 water water
#
_entity_poly.entity_id   1
_entity_poly.type   'polypeptide(L)'
_entity_poly.pdbx_seq_one_letter_code
;MKGIILSGGSGTRLYPLTKVVSKQLLPVYDKPMVYYPLSVLMLAGIKDILIISTPEDTPRFEQLLGGGSELGISLSYAVQ
SSPDGLAQAFIIGEEFIGDDNVALVLGDNIFYGHGFTELLQRAANRKSGATIFGYNVKDPQRFGVVEFDEKGKVISIEEK
PEEPKSSYAVTGLYFYDNRVVDIAKNITPSARGELEITDVNKAYLELGELHVELLGRGFAWLDTGTHESLLQASQFIETI
EKRQSLKVACLEEIAYRMGYISREQLIKLAEPLMKNEYGQYLMNLAHRSKDLVTVEG
;
_entity_poly.pdbx_strand_id   A
#
loop_
_chem_comp.id
_chem_comp.type
_chem_comp.name
_chem_comp.formula
SO4 non-polymer 'SULFATE ION' 'O4 S -2'
TTP non-polymer THYMIDINE-5'-TRIPHOSPHATE 'C10 H17 N2 O14 P3'
#
# COMPACT_ATOMS: atom_id res chain seq x y z
N MET A 1 -4.73 10.81 10.35
CA MET A 1 -4.98 9.44 9.81
C MET A 1 -3.77 8.49 10.09
N LYS A 2 -4.08 7.27 10.48
CA LYS A 2 -3.07 6.28 10.71
C LYS A 2 -3.03 5.46 9.44
N GLY A 3 -2.08 4.54 9.34
CA GLY A 3 -2.00 3.71 8.17
C GLY A 3 -1.69 2.28 8.57
N ILE A 4 -2.17 1.29 7.80
CA ILE A 4 -1.79 -0.10 8.07
C ILE A 4 -1.24 -0.63 6.76
N ILE A 5 -0.13 -1.36 6.83
CA ILE A 5 0.29 -2.17 5.66
C ILE A 5 0.00 -3.62 5.94
N LEU A 6 -0.94 -4.19 5.19
CA LEU A 6 -1.26 -5.60 5.38
C LEU A 6 -0.34 -6.44 4.47
N SER A 7 0.55 -7.20 5.10
CA SER A 7 1.73 -7.74 4.41
C SER A 7 2.04 -9.22 4.79
N GLY A 8 0.99 -10.04 4.81
CA GLY A 8 1.12 -11.49 5.01
C GLY A 8 0.74 -12.25 3.77
N GLY A 9 -0.22 -13.17 3.92
CA GLY A 9 -0.76 -13.88 2.75
C GLY A 9 0.06 -15.14 2.49
N SER A 10 -0.07 -15.72 1.29
CA SER A 10 0.59 -17.01 0.96
C SER A 10 1.67 -16.97 -0.15
N GLY A 11 1.49 -16.09 -1.13
CA GLY A 11 2.50 -15.93 -2.17
C GLY A 11 2.89 -17.27 -2.78
N THR A 12 1.92 -18.16 -2.88
CA THR A 12 2.21 -19.54 -3.23
C THR A 12 2.64 -19.62 -4.71
N ARG A 13 2.14 -18.69 -5.52
CA ARG A 13 2.51 -18.65 -6.91
C ARG A 13 4.01 -18.37 -7.09
N LEU A 14 4.65 -17.75 -6.08
CA LEU A 14 6.06 -17.38 -6.21
C LEU A 14 7.03 -18.45 -5.71
N TYR A 15 6.50 -19.58 -5.27
CA TYR A 15 7.34 -20.66 -4.76
C TYR A 15 8.38 -21.04 -5.83
N PRO A 16 9.64 -21.30 -5.45
CA PRO A 16 10.19 -21.39 -4.07
C PRO A 16 10.71 -20.06 -3.49
N LEU A 17 10.45 -18.92 -4.10
CA LEU A 17 11.05 -17.67 -3.56
C LEU A 17 10.43 -17.42 -2.17
N THR A 18 9.23 -17.91 -2.00
CA THR A 18 8.45 -17.71 -0.76
C THR A 18 8.41 -18.99 0.08
N LYS A 19 9.29 -19.92 -0.22
CA LYS A 19 9.36 -21.13 0.62
C LYS A 19 9.50 -20.80 2.11
N VAL A 20 10.33 -19.82 2.42
CA VAL A 20 10.52 -19.42 3.78
C VAL A 20 9.84 -18.08 4.07
N VAL A 21 10.12 -17.08 3.23
CA VAL A 21 9.70 -15.69 3.54
C VAL A 21 8.52 -15.25 2.74
N SER A 22 7.85 -14.17 3.22
CA SER A 22 6.68 -13.63 2.54
C SER A 22 7.13 -12.86 1.33
N LYS A 23 6.26 -12.74 0.32
CA LYS A 23 6.67 -12.10 -0.98
C LYS A 23 7.08 -10.64 -0.82
N GLN A 24 6.55 -9.93 0.19
CA GLN A 24 6.83 -8.52 0.26
C GLN A 24 8.23 -8.17 0.78
N LEU A 25 8.98 -9.18 1.18
CA LEU A 25 10.38 -9.05 1.52
C LEU A 25 11.27 -9.16 0.28
N LEU A 26 10.70 -9.63 -0.82
CA LEU A 26 11.53 -9.84 -2.04
C LEU A 26 11.90 -8.50 -2.77
N PRO A 27 12.94 -8.52 -3.58
CA PRO A 27 13.36 -7.26 -4.27
C PRO A 27 12.41 -6.88 -5.36
N VAL A 28 12.19 -5.57 -5.52
CA VAL A 28 11.67 -5.05 -6.77
C VAL A 28 12.71 -4.09 -7.30
N TYR A 29 13.56 -4.62 -8.19
CA TYR A 29 14.78 -3.97 -8.70
C TYR A 29 15.89 -3.76 -7.64
N ASP A 30 15.78 -2.67 -6.89
CA ASP A 30 16.86 -2.18 -6.00
C ASP A 30 16.42 -1.96 -4.55
N LYS A 31 15.19 -2.32 -4.22
CA LYS A 31 14.76 -2.20 -2.84
C LYS A 31 13.66 -3.20 -2.55
N PRO A 32 13.51 -3.57 -1.28
CA PRO A 32 12.49 -4.59 -0.98
C PRO A 32 11.12 -4.14 -1.40
N MET A 33 10.27 -5.09 -1.77
CA MET A 33 8.89 -4.76 -2.27
C MET A 33 8.09 -3.87 -1.29
N VAL A 34 8.21 -4.15 0.01
CA VAL A 34 7.45 -3.38 0.97
C VAL A 34 7.79 -1.90 1.07
N TYR A 35 8.99 -1.49 0.60
CA TYR A 35 9.33 -0.05 0.54
C TYR A 35 8.26 0.71 -0.28
N TYR A 36 7.79 0.09 -1.34
CA TYR A 36 6.88 0.80 -2.29
C TYR A 36 5.51 1.22 -1.67
N PRO A 37 4.75 0.25 -1.06
CA PRO A 37 3.56 0.75 -0.34
C PRO A 37 3.85 1.61 0.92
N LEU A 38 4.93 1.34 1.65
CA LEU A 38 5.27 2.19 2.79
C LEU A 38 5.49 3.63 2.29
N SER A 39 6.16 3.76 1.14
CA SER A 39 6.46 5.13 0.60
C SER A 39 5.16 5.83 0.31
N VAL A 40 4.14 5.07 -0.12
CA VAL A 40 2.83 5.66 -0.48
C VAL A 40 2.08 6.22 0.76
N LEU A 41 2.12 5.48 1.87
CA LEU A 41 1.55 6.00 3.11
C LEU A 41 2.31 7.24 3.56
N MET A 42 3.63 7.22 3.44
CA MET A 42 4.41 8.36 3.87
C MET A 42 4.11 9.61 3.03
N LEU A 43 4.00 9.43 1.72
CA LEU A 43 3.67 10.56 0.79
C LEU A 43 2.28 11.10 1.05
N ALA A 44 1.39 10.24 1.56
CA ALA A 44 0.04 10.67 1.93
C ALA A 44 0.01 11.53 3.19
N GLY A 45 1.12 11.65 3.87
CA GLY A 45 1.17 12.41 5.07
C GLY A 45 0.94 11.57 6.32
N ILE A 46 0.97 10.25 6.18
CA ILE A 46 0.71 9.34 7.31
C ILE A 46 1.99 8.93 8.01
N LYS A 47 2.06 9.16 9.32
CA LYS A 47 3.33 9.02 10.10
C LYS A 47 3.21 8.02 11.21
N ASP A 48 2.04 7.41 11.35
CA ASP A 48 1.86 6.38 12.38
C ASP A 48 1.30 5.12 11.75
N ILE A 49 2.14 4.11 11.61
CA ILE A 49 1.80 3.04 10.69
C ILE A 49 1.97 1.69 11.39
N LEU A 50 0.99 0.81 11.19
CA LEU A 50 1.04 -0.56 11.72
C LEU A 50 1.33 -1.49 10.55
N ILE A 51 2.31 -2.39 10.74
CA ILE A 51 2.60 -3.40 9.69
C ILE A 51 2.18 -4.79 10.22
N ILE A 52 1.31 -5.44 9.49
CA ILE A 52 0.76 -6.72 9.87
C ILE A 52 1.32 -7.78 8.92
N SER A 53 1.79 -8.87 9.49
CA SER A 53 2.23 -9.96 8.64
C SER A 53 2.03 -11.30 9.35
N THR A 54 2.66 -12.34 8.85
CA THR A 54 2.49 -13.70 9.44
C THR A 54 3.25 -13.77 10.74
N PRO A 55 3.01 -14.83 11.53
CA PRO A 55 3.83 -14.97 12.72
C PRO A 55 5.34 -15.01 12.41
N GLU A 56 5.72 -15.69 11.32
CA GLU A 56 7.13 -15.87 11.05
C GLU A 56 7.74 -14.63 10.37
N ASP A 57 6.93 -13.92 9.58
CA ASP A 57 7.46 -12.79 8.77
C ASP A 57 7.39 -11.41 9.43
N THR A 58 6.49 -11.22 10.39
CA THR A 58 6.39 -9.91 11.02
C THR A 58 7.73 -9.49 11.62
N PRO A 59 8.47 -10.41 12.27
CA PRO A 59 9.80 -10.00 12.77
C PRO A 59 10.82 -9.67 11.67
N ARG A 60 10.64 -10.26 10.50
CA ARG A 60 11.55 -10.00 9.37
C ARG A 60 11.29 -8.58 8.88
N PHE A 61 10.02 -8.17 8.80
CA PHE A 61 9.68 -6.76 8.45
C PHE A 61 10.25 -5.80 9.47
N GLU A 62 10.09 -6.14 10.75
CA GLU A 62 10.65 -5.32 11.81
C GLU A 62 12.19 -5.23 11.79
N GLN A 63 12.88 -6.32 11.44
CA GLN A 63 14.31 -6.23 11.37
C GLN A 63 14.72 -5.37 10.16
N LEU A 64 13.99 -5.47 9.07
CA LEU A 64 14.32 -4.61 7.90
C LEU A 64 14.05 -3.11 8.16
N LEU A 65 12.87 -2.80 8.72
CA LEU A 65 12.33 -1.39 8.68
C LEU A 65 12.55 -0.67 10.00
N GLY A 66 12.61 -1.42 11.09
CA GLY A 66 12.81 -0.83 12.42
C GLY A 66 11.55 -0.14 12.95
N GLY A 67 11.75 0.78 13.89
CA GLY A 67 10.63 1.44 14.59
C GLY A 67 10.16 2.73 13.95
N GLY A 68 10.82 3.15 12.86
CA GLY A 68 10.43 4.37 12.17
C GLY A 68 11.22 5.60 12.56
N SER A 69 11.86 5.58 13.74
CA SER A 69 12.35 6.84 14.28
C SER A 69 13.29 7.52 13.31
N GLU A 70 14.13 6.75 12.66
CA GLU A 70 15.09 7.34 11.74
C GLU A 70 14.47 7.94 10.46
N LEU A 71 13.22 7.57 10.19
CA LEU A 71 12.45 8.18 9.11
C LEU A 71 11.49 9.23 9.69
N GLY A 72 11.60 9.52 10.98
CA GLY A 72 10.68 10.51 11.61
C GLY A 72 9.22 10.07 11.68
N ILE A 73 8.99 8.76 11.64
CA ILE A 73 7.62 8.20 11.73
C ILE A 73 7.63 7.14 12.79
N SER A 74 6.50 6.48 12.94
CA SER A 74 6.35 5.42 13.93
C SER A 74 5.89 4.20 13.19
N LEU A 75 6.67 3.13 13.25
CA LEU A 75 6.23 1.83 12.77
C LEU A 75 5.97 0.93 13.97
N SER A 76 4.81 0.32 13.97
CA SER A 76 4.40 -0.70 14.96
C SER A 76 4.13 -2.00 14.19
N TYR A 77 4.06 -3.10 14.94
CA TYR A 77 3.91 -4.42 14.33
C TYR A 77 2.85 -5.30 15.01
N ALA A 78 2.11 -6.06 14.19
CA ALA A 78 1.13 -7.00 14.71
C ALA A 78 1.03 -8.23 13.82
N VAL A 79 0.53 -9.32 14.39
CA VAL A 79 0.53 -10.60 13.68
C VAL A 79 -0.84 -11.00 13.23
N GLN A 80 -0.95 -11.43 11.97
CA GLN A 80 -2.15 -12.07 11.48
C GLN A 80 -1.90 -13.58 11.45
N SER A 81 -2.58 -14.32 12.32
CA SER A 81 -2.33 -15.75 12.44
C SER A 81 -2.58 -16.57 11.19
N SER A 82 -3.68 -16.28 10.50
CA SER A 82 -4.01 -16.87 9.19
C SER A 82 -4.55 -15.81 8.25
N PRO A 83 -4.33 -16.01 6.94
CA PRO A 83 -4.79 -15.00 6.00
C PRO A 83 -6.28 -15.15 5.77
N ASP A 84 -7.06 -14.69 6.73
CA ASP A 84 -8.51 -14.88 6.73
C ASP A 84 -9.23 -13.67 6.15
N GLY A 85 -8.49 -12.80 5.45
CA GLY A 85 -9.13 -11.72 4.65
C GLY A 85 -8.58 -10.31 4.94
N LEU A 86 -8.71 -9.39 3.97
CA LEU A 86 -8.10 -8.06 4.15
C LEU A 86 -8.79 -7.32 5.29
N ALA A 87 -10.08 -7.60 5.50
CA ALA A 87 -10.86 -6.83 6.47
C ALA A 87 -10.40 -7.12 7.89
N GLN A 88 -9.68 -8.22 8.06
CA GLN A 88 -9.13 -8.58 9.34
C GLN A 88 -8.07 -7.60 9.81
N ALA A 89 -7.57 -6.78 8.88
CA ALA A 89 -6.55 -5.78 9.27
C ALA A 89 -7.14 -4.83 10.33
N PHE A 90 -8.41 -4.50 10.17
CA PHE A 90 -9.09 -3.51 11.05
C PHE A 90 -9.45 -4.14 12.40
N ILE A 91 -9.44 -5.46 12.46
CA ILE A 91 -9.74 -6.18 13.70
C ILE A 91 -8.50 -6.36 14.51
N ILE A 92 -7.46 -6.89 13.87
CA ILE A 92 -6.15 -6.93 14.45
C ILE A 92 -5.70 -5.53 14.81
N GLY A 93 -6.05 -4.57 13.97
CA GLY A 93 -5.55 -3.19 14.20
C GLY A 93 -6.49 -2.32 15.03
N GLU A 94 -7.49 -2.94 15.69
CA GLU A 94 -8.52 -2.12 16.38
C GLU A 94 -7.90 -1.18 17.39
N GLU A 95 -7.04 -1.71 18.24
CA GLU A 95 -6.39 -0.91 19.31
C GLU A 95 -5.55 0.20 18.69
N PHE A 96 -4.75 -0.19 17.72
CA PHE A 96 -3.90 0.77 17.03
C PHE A 96 -4.70 1.95 16.44
N ILE A 97 -5.86 1.65 15.86
CA ILE A 97 -6.65 2.63 15.09
C ILE A 97 -7.34 3.59 16.10
N GLY A 98 -7.79 3.07 17.25
CA GLY A 98 -8.57 3.91 18.19
C GLY A 98 -9.78 4.55 17.50
N ASP A 99 -9.93 5.86 17.71
CA ASP A 99 -11.03 6.61 17.15
C ASP A 99 -10.67 7.30 15.82
N ASP A 100 -9.48 7.00 15.29
CA ASP A 100 -8.94 7.74 14.14
C ASP A 100 -9.42 7.18 12.79
N ASN A 101 -9.28 7.99 11.73
CA ASN A 101 -9.30 7.49 10.34
C ASN A 101 -8.09 6.63 10.10
N VAL A 102 -8.16 5.77 9.08
CA VAL A 102 -7.07 4.83 8.83
C VAL A 102 -7.07 4.46 7.34
N ALA A 103 -5.87 4.41 6.75
CA ALA A 103 -5.71 3.92 5.39
C ALA A 103 -5.14 2.54 5.48
N LEU A 104 -5.47 1.71 4.50
CA LEU A 104 -4.92 0.38 4.39
C LEU A 104 -4.25 0.28 3.03
N VAL A 105 -3.02 -0.22 3.00
CA VAL A 105 -2.37 -0.56 1.74
C VAL A 105 -1.82 -1.94 1.83
N LEU A 106 -1.89 -2.66 0.72
CA LEU A 106 -1.33 -4.01 0.67
C LEU A 106 0.17 -3.97 0.46
N GLY A 107 0.86 -4.86 1.15
CA GLY A 107 2.33 -4.82 1.14
C GLY A 107 2.95 -5.22 -0.20
N ASP A 108 2.12 -5.73 -1.12
CA ASP A 108 2.66 -6.08 -2.45
C ASP A 108 2.21 -5.16 -3.60
N ASN A 109 1.64 -4.02 -3.25
CA ASN A 109 1.10 -3.11 -4.29
C ASN A 109 2.11 -2.03 -4.62
N ILE A 110 2.27 -1.75 -5.92
CA ILE A 110 3.26 -0.76 -6.37
C ILE A 110 2.55 0.21 -7.30
N PHE A 111 2.41 1.44 -6.82
CA PHE A 111 1.72 2.49 -7.56
C PHE A 111 2.82 3.48 -7.98
N TYR A 112 2.73 4.04 -9.20
CA TYR A 112 3.69 5.10 -9.59
C TYR A 112 3.04 5.99 -10.64
N GLY A 113 3.04 7.29 -10.40
CA GLY A 113 2.68 8.27 -11.49
C GLY A 113 2.74 9.71 -11.10
N HIS A 114 2.80 10.57 -12.13
CA HIS A 114 2.74 11.98 -11.95
C HIS A 114 1.48 12.35 -11.19
N GLY A 115 1.63 13.20 -10.20
CA GLY A 115 0.45 13.76 -9.55
C GLY A 115 -0.11 12.85 -8.46
N PHE A 116 0.54 11.70 -8.22
CA PHE A 116 -0.03 10.73 -7.25
C PHE A 116 -0.01 11.33 -5.85
N THR A 117 1.07 12.04 -5.51
CA THR A 117 1.25 12.55 -4.15
C THR A 117 0.08 13.49 -3.77
N GLU A 118 -0.31 14.35 -4.70
CA GLU A 118 -1.51 15.17 -4.50
C GLU A 118 -2.81 14.36 -4.26
N LEU A 119 -3.01 13.28 -5.02
CA LEU A 119 -4.19 12.42 -4.86
C LEU A 119 -4.20 11.74 -3.48
N LEU A 120 -3.02 11.25 -3.07
CA LEU A 120 -2.87 10.59 -1.75
C LEU A 120 -3.20 11.57 -0.62
N GLN A 121 -2.63 12.77 -0.70
CA GLN A 121 -2.83 13.72 0.37
C GLN A 121 -4.26 14.18 0.43
N ARG A 122 -4.90 14.28 -0.73
CA ARG A 122 -6.33 14.59 -0.75
C ARG A 122 -7.16 13.51 -0.03
N ALA A 123 -6.89 12.26 -0.35
CA ALA A 123 -7.63 11.16 0.25
C ALA A 123 -7.38 11.09 1.74
N ALA A 124 -6.13 11.32 2.18
CA ALA A 124 -5.77 11.13 3.57
C ALA A 124 -6.38 12.21 4.42
N ASN A 125 -6.69 13.35 3.76
CA ASN A 125 -7.18 14.55 4.46
C ASN A 125 -8.67 14.62 4.53
N ARG A 126 -9.34 13.63 3.95
CA ARG A 126 -10.78 13.56 4.06
C ARG A 126 -11.15 13.08 5.43
N LYS A 127 -12.20 13.66 6.00
CA LYS A 127 -12.52 13.40 7.38
C LYS A 127 -13.68 12.43 7.49
N SER A 128 -14.36 12.18 6.36
CA SER A 128 -15.52 11.24 6.34
C SER A 128 -15.60 10.44 5.04
N GLY A 129 -16.01 9.18 5.12
CA GLY A 129 -16.28 8.34 3.95
C GLY A 129 -15.10 7.43 3.62
N ALA A 130 -15.11 6.81 2.44
CA ALA A 130 -14.00 5.92 2.00
C ALA A 130 -13.55 6.38 0.65
N THR A 131 -12.25 6.30 0.39
CA THR A 131 -11.72 6.52 -0.96
C THR A 131 -11.05 5.22 -1.42
N ILE A 132 -11.40 4.78 -2.62
CA ILE A 132 -10.75 3.63 -3.23
C ILE A 132 -10.19 4.11 -4.54
N PHE A 133 -9.28 3.32 -5.13
CA PHE A 133 -8.53 3.77 -6.31
C PHE A 133 -8.73 2.76 -7.40
N GLY A 134 -9.35 3.18 -8.51
CA GLY A 134 -9.68 2.28 -9.61
C GLY A 134 -8.62 2.29 -10.71
N TYR A 135 -8.43 1.17 -11.39
CA TYR A 135 -7.42 1.10 -12.44
C TYR A 135 -7.95 0.23 -13.57
N ASN A 136 -7.82 0.74 -14.81
CA ASN A 136 -8.28 -0.01 -15.98
C ASN A 136 -7.34 -1.15 -16.22
N VAL A 137 -7.84 -2.38 -16.11
CA VAL A 137 -7.01 -3.59 -16.37
C VAL A 137 -7.60 -4.46 -17.44
N LYS A 138 -6.77 -5.36 -17.97
CA LYS A 138 -7.19 -6.27 -19.04
C LYS A 138 -8.25 -7.31 -18.59
N ASP A 139 -8.12 -7.79 -17.37
CA ASP A 139 -8.88 -8.95 -16.89
C ASP A 139 -9.60 -8.59 -15.56
N PRO A 140 -10.61 -7.72 -15.63
CA PRO A 140 -11.26 -7.16 -14.46
C PRO A 140 -11.86 -8.23 -13.55
N GLN A 141 -12.27 -9.36 -14.14
CA GLN A 141 -12.86 -10.48 -13.39
C GLN A 141 -11.95 -11.10 -12.34
N ARG A 142 -10.66 -10.81 -12.42
CA ARG A 142 -9.69 -11.29 -11.46
C ARG A 142 -9.63 -10.42 -10.20
N PHE A 143 -10.42 -9.33 -10.16
CA PHE A 143 -10.23 -8.29 -9.15
C PHE A 143 -11.56 -7.89 -8.53
N GLY A 144 -11.52 -7.11 -7.47
CA GLY A 144 -12.69 -6.30 -7.12
C GLY A 144 -12.94 -5.30 -8.24
N VAL A 145 -14.19 -5.17 -8.65
CA VAL A 145 -14.54 -4.34 -9.82
C VAL A 145 -15.49 -3.18 -9.44
N VAL A 146 -15.10 -1.95 -9.76
CA VAL A 146 -15.93 -0.81 -9.43
C VAL A 146 -16.59 -0.25 -10.69
N GLU A 147 -17.92 -0.16 -10.64
CA GLU A 147 -18.73 0.41 -11.73
C GLU A 147 -19.19 1.80 -11.35
N PHE A 148 -19.06 2.75 -12.25
CA PHE A 148 -19.40 4.13 -11.92
C PHE A 148 -20.09 4.77 -13.11
N ASP A 149 -20.75 5.91 -12.88
CA ASP A 149 -21.45 6.64 -13.95
C ASP A 149 -20.59 7.78 -14.53
N GLU A 150 -21.22 8.61 -15.36
CA GLU A 150 -20.51 9.60 -16.16
C GLU A 150 -20.00 10.73 -15.28
N LYS A 151 -20.61 10.88 -14.11
CA LYS A 151 -20.23 11.91 -13.14
C LYS A 151 -19.15 11.36 -12.17
N GLY A 152 -18.88 10.06 -12.27
CA GLY A 152 -17.84 9.41 -11.45
C GLY A 152 -18.41 8.87 -10.16
N LYS A 153 -19.74 8.80 -10.09
CA LYS A 153 -20.39 8.25 -8.90
C LYS A 153 -20.42 6.73 -8.96
N VAL A 154 -20.02 6.09 -7.87
CA VAL A 154 -20.03 4.62 -7.81
C VAL A 154 -21.47 4.10 -7.87
N ILE A 155 -21.67 3.09 -8.72
CA ILE A 155 -22.94 2.42 -8.86
C ILE A 155 -22.90 1.06 -8.16
N SER A 156 -21.79 0.35 -8.34
CA SER A 156 -21.67 -0.96 -7.75
C SER A 156 -20.21 -1.31 -7.51
N ILE A 157 -19.99 -2.31 -6.70
CA ILE A 157 -18.66 -2.86 -6.49
C ILE A 157 -18.77 -4.32 -6.18
N GLU A 158 -18.08 -5.17 -6.97
CA GLU A 158 -18.26 -6.62 -6.88
C GLU A 158 -16.93 -7.33 -6.84
N GLU A 159 -16.85 -8.43 -6.07
CA GLU A 159 -15.62 -9.18 -5.94
C GLU A 159 -15.50 -10.25 -7.06
N LYS A 160 -14.56 -10.05 -7.97
CA LYS A 160 -14.34 -11.01 -9.07
C LYS A 160 -15.66 -11.44 -9.68
N PRO A 161 -16.38 -10.48 -10.28
CA PRO A 161 -17.65 -10.81 -10.92
C PRO A 161 -17.44 -11.76 -12.11
N GLU A 162 -18.39 -12.69 -12.28
CA GLU A 162 -18.49 -13.50 -13.48
C GLU A 162 -18.57 -12.62 -14.72
N GLU A 163 -19.48 -11.65 -14.68
CA GLU A 163 -19.62 -10.70 -15.76
C GLU A 163 -19.33 -9.28 -15.28
N PRO A 164 -18.02 -8.89 -15.28
CA PRO A 164 -17.61 -7.59 -14.74
C PRO A 164 -18.46 -6.49 -15.31
N LYS A 165 -18.95 -5.58 -14.47
CA LYS A 165 -19.75 -4.46 -14.95
C LYS A 165 -18.92 -3.28 -15.44
N SER A 166 -17.62 -3.32 -15.19
CA SER A 166 -16.70 -2.41 -15.86
C SER A 166 -15.32 -3.02 -16.03
N SER A 167 -14.40 -2.19 -16.48
CA SER A 167 -13.00 -2.55 -16.73
C SER A 167 -12.09 -2.16 -15.57
N TYR A 168 -12.68 -1.54 -14.55
CA TYR A 168 -11.89 -0.91 -13.48
C TYR A 168 -11.78 -1.79 -12.27
N ALA A 169 -10.55 -2.26 -12.05
CA ALA A 169 -10.20 -2.98 -10.84
C ALA A 169 -10.05 -2.02 -9.64
N VAL A 170 -10.41 -2.51 -8.46
CA VAL A 170 -10.20 -1.73 -7.25
C VAL A 170 -8.84 -2.13 -6.68
N THR A 171 -7.89 -1.20 -6.67
CA THR A 171 -6.52 -1.53 -6.29
C THR A 171 -6.39 -1.69 -4.77
N GLY A 172 -5.22 -2.12 -4.31
CA GLY A 172 -4.99 -2.42 -2.88
C GLY A 172 -4.56 -1.22 -2.07
N LEU A 173 -5.33 -0.13 -2.16
CA LEU A 173 -5.07 1.05 -1.36
C LEU A 173 -6.43 1.66 -1.05
N TYR A 174 -6.73 1.85 0.24
CA TYR A 174 -8.07 2.26 0.67
C TYR A 174 -7.91 3.27 1.81
N PHE A 175 -8.71 4.34 1.80
CA PHE A 175 -8.69 5.26 2.91
C PHE A 175 -10.08 5.25 3.56
N TYR A 176 -10.14 5.17 4.89
CA TYR A 176 -11.42 4.99 5.57
C TYR A 176 -11.54 5.93 6.72
N ASP A 177 -12.78 6.31 7.01
CA ASP A 177 -13.09 6.91 8.30
C ASP A 177 -13.23 5.83 9.39
N ASN A 178 -13.46 6.23 10.64
CA ASN A 178 -13.36 5.32 11.76
C ASN A 178 -14.45 4.28 11.80
N ARG A 179 -15.47 4.47 10.98
CA ARG A 179 -16.55 3.49 10.93
C ARG A 179 -16.08 2.14 10.43
N VAL A 180 -14.93 2.14 9.75
CA VAL A 180 -14.41 0.87 9.21
C VAL A 180 -14.23 -0.25 10.23
N VAL A 181 -13.84 0.11 11.47
CA VAL A 181 -13.60 -0.88 12.53
C VAL A 181 -14.84 -1.68 12.85
N ASP A 182 -15.92 -0.98 13.14
CA ASP A 182 -17.17 -1.69 13.41
C ASP A 182 -17.83 -2.31 12.20
N ILE A 183 -17.53 -1.78 11.01
CA ILE A 183 -17.98 -2.43 9.78
C ILE A 183 -17.30 -3.78 9.61
N ALA A 184 -16.00 -3.80 9.87
CA ALA A 184 -15.22 -5.01 9.68
C ALA A 184 -15.66 -6.08 10.69
N LYS A 185 -16.02 -5.63 11.89
CA LYS A 185 -16.34 -6.54 13.00
C LYS A 185 -17.69 -7.21 12.72
N ASN A 186 -18.44 -6.65 11.78
CA ASN A 186 -19.80 -7.08 11.51
C ASN A 186 -20.04 -7.70 10.17
N ILE A 187 -19.01 -7.85 9.37
CA ILE A 187 -19.20 -8.63 8.16
C ILE A 187 -18.89 -10.08 8.44
N THR A 188 -19.27 -10.95 7.53
CA THR A 188 -19.06 -12.36 7.76
C THR A 188 -18.28 -13.04 6.62
N PRO A 189 -17.63 -14.17 6.93
CA PRO A 189 -16.76 -14.71 5.90
C PRO A 189 -17.51 -15.01 4.63
N SER A 190 -16.86 -14.75 3.49
CA SER A 190 -17.42 -15.09 2.20
C SER A 190 -17.35 -16.60 2.04
N ALA A 191 -17.88 -17.08 0.92
CA ALA A 191 -17.73 -18.48 0.52
C ALA A 191 -16.29 -18.98 0.69
N ARG A 192 -15.33 -18.16 0.27
CA ARG A 192 -13.93 -18.58 0.28
C ARG A 192 -13.26 -18.41 1.66
N GLY A 193 -14.08 -18.14 2.68
CA GLY A 193 -13.58 -18.14 4.05
C GLY A 193 -12.87 -16.84 4.41
N GLU A 194 -13.10 -15.80 3.61
CA GLU A 194 -12.39 -14.54 3.83
C GLU A 194 -13.35 -13.40 4.24
N LEU A 195 -12.90 -12.61 5.21
CA LEU A 195 -13.51 -11.33 5.52
C LEU A 195 -13.09 -10.32 4.44
N GLU A 196 -14.01 -10.01 3.53
CA GLU A 196 -13.65 -9.36 2.22
C GLU A 196 -13.62 -7.84 2.32
N ILE A 197 -12.57 -7.24 1.78
CA ILE A 197 -12.57 -5.78 1.69
C ILE A 197 -13.69 -5.29 0.82
N THR A 198 -14.06 -6.08 -0.18
CA THR A 198 -15.19 -5.68 -1.04
C THR A 198 -16.48 -5.46 -0.22
N ASP A 199 -16.63 -6.27 0.82
CA ASP A 199 -17.77 -6.11 1.73
C ASP A 199 -17.70 -4.84 2.56
N VAL A 200 -16.49 -4.44 2.96
CA VAL A 200 -16.29 -3.18 3.65
C VAL A 200 -16.71 -2.05 2.68
N ASN A 201 -16.27 -2.15 1.43
CA ASN A 201 -16.54 -1.09 0.48
C ASN A 201 -17.99 -1.03 0.10
N LYS A 202 -18.65 -2.19 0.09
CA LYS A 202 -20.11 -2.23 -0.11
C LYS A 202 -20.83 -1.49 1.03
N ALA A 203 -20.37 -1.68 2.26
CA ALA A 203 -20.96 -0.97 3.35
C ALA A 203 -20.86 0.55 3.23
N TYR A 204 -19.73 1.05 2.71
CA TYR A 204 -19.60 2.49 2.53
C TYR A 204 -20.45 2.95 1.31
N LEU A 205 -20.58 2.10 0.32
CA LEU A 205 -21.46 2.43 -0.83
C LEU A 205 -22.88 2.63 -0.30
N GLU A 206 -23.31 1.71 0.55
CA GLU A 206 -24.67 1.80 1.06
C GLU A 206 -24.84 3.03 1.97
N LEU A 207 -23.78 3.39 2.69
CA LEU A 207 -23.77 4.60 3.52
C LEU A 207 -23.71 5.89 2.70
N GLY A 208 -23.60 5.78 1.37
CA GLY A 208 -23.56 6.98 0.50
C GLY A 208 -22.22 7.76 0.48
N GLU A 209 -21.14 7.11 0.90
CA GLU A 209 -19.85 7.80 0.96
C GLU A 209 -18.70 6.90 0.51
N LEU A 210 -18.87 6.25 -0.61
CA LEU A 210 -17.74 5.55 -1.25
C LEU A 210 -17.30 6.33 -2.46
N HIS A 211 -16.11 6.93 -2.38
CA HIS A 211 -15.56 7.77 -3.44
C HIS A 211 -14.49 6.99 -4.20
N VAL A 212 -14.54 7.02 -5.54
CA VAL A 212 -13.47 6.36 -6.32
C VAL A 212 -12.56 7.42 -7.00
N GLU A 213 -11.25 7.25 -6.88
CA GLU A 213 -10.33 8.03 -7.70
C GLU A 213 -9.84 7.14 -8.79
N LEU A 214 -10.13 7.51 -10.03
CA LEU A 214 -9.79 6.70 -11.19
C LEU A 214 -8.38 7.05 -11.57
N LEU A 215 -7.47 6.09 -11.44
CA LEU A 215 -6.12 6.25 -11.92
C LEU A 215 -6.09 5.99 -13.45
N GLY A 216 -5.74 7.01 -14.21
CA GLY A 216 -5.76 6.94 -15.65
C GLY A 216 -4.60 6.14 -16.23
N ARG A 217 -4.54 6.10 -17.56
CA ARG A 217 -3.57 5.27 -18.24
C ARG A 217 -2.14 5.75 -18.02
N GLY A 218 -1.99 6.97 -17.54
CA GLY A 218 -0.62 7.47 -17.31
C GLY A 218 -0.05 6.97 -15.98
N PHE A 219 -0.89 6.29 -15.17
CA PHE A 219 -0.39 5.69 -13.90
C PHE A 219 0.00 4.28 -14.15
N ALA A 220 1.00 3.82 -13.39
CA ALA A 220 1.39 2.42 -13.32
C ALA A 220 0.94 1.80 -11.98
N TRP A 221 0.24 0.70 -12.10
CA TRP A 221 -0.11 -0.14 -10.92
C TRP A 221 0.35 -1.58 -11.21
N LEU A 222 1.51 -1.93 -10.65
CA LEU A 222 2.30 -3.03 -11.18
C LEU A 222 1.95 -4.31 -10.45
N ASP A 223 1.87 -5.40 -11.19
CA ASP A 223 1.54 -6.71 -10.67
C ASP A 223 2.80 -7.37 -10.08
N THR A 224 2.77 -7.83 -8.81
CA THR A 224 3.91 -8.58 -8.29
C THR A 224 3.55 -10.04 -8.04
N GLY A 225 2.50 -10.54 -8.72
CA GLY A 225 1.89 -11.81 -8.31
C GLY A 225 2.60 -13.05 -8.85
N THR A 226 3.33 -12.91 -9.96
CA THR A 226 4.01 -14.04 -10.63
C THR A 226 5.49 -13.71 -10.82
N HIS A 227 6.29 -14.72 -11.10
CA HIS A 227 7.69 -14.50 -11.45
C HIS A 227 7.86 -13.56 -12.64
N GLU A 228 7.02 -13.75 -13.67
CA GLU A 228 7.08 -12.88 -14.85
C GLU A 228 6.71 -11.45 -14.52
N SER A 229 5.65 -11.24 -13.74
CA SER A 229 5.21 -9.88 -13.46
C SER A 229 6.16 -9.18 -12.51
N LEU A 230 6.69 -9.94 -11.55
CA LEU A 230 7.71 -9.39 -10.64
C LEU A 230 8.92 -8.87 -11.42
N LEU A 231 9.33 -9.62 -12.43
CA LEU A 231 10.46 -9.20 -13.19
C LEU A 231 10.12 -7.93 -14.00
N GLN A 232 8.93 -7.93 -14.58
CA GLN A 232 8.48 -6.73 -15.33
C GLN A 232 8.43 -5.50 -14.45
N ALA A 233 7.97 -5.69 -13.22
CA ALA A 233 7.89 -4.61 -12.28
C ALA A 233 9.26 -4.10 -11.98
N SER A 234 10.23 -5.02 -11.79
CA SER A 234 11.61 -4.59 -11.53
C SER A 234 12.20 -3.81 -12.70
N GLN A 235 11.92 -4.28 -13.92
CA GLN A 235 12.46 -3.62 -15.12
C GLN A 235 11.86 -2.23 -15.27
N PHE A 236 10.59 -2.10 -14.87
CA PHE A 236 9.90 -0.80 -14.93
C PHE A 236 10.61 0.22 -14.04
N ILE A 237 10.82 -0.13 -12.75
CA ILE A 237 11.48 0.75 -11.86
C ILE A 237 12.91 1.09 -12.38
N GLU A 238 13.64 0.10 -12.83
CA GLU A 238 14.99 0.37 -13.30
C GLU A 238 15.02 1.47 -14.37
N THR A 239 14.13 1.31 -15.32
CA THR A 239 14.00 2.26 -16.45
C THR A 239 13.68 3.70 -16.01
N ILE A 240 12.70 3.87 -15.10
CA ILE A 240 12.38 5.19 -14.54
C ILE A 240 13.61 5.77 -13.85
N GLU A 241 14.29 4.95 -13.05
CA GLU A 241 15.36 5.45 -12.23
C GLU A 241 16.63 5.82 -13.01
N LYS A 242 16.88 5.09 -14.07
CA LYS A 242 18.12 5.24 -14.85
C LYS A 242 18.13 6.59 -15.58
N ARG A 243 17.01 6.93 -16.19
CA ARG A 243 16.92 8.15 -17.00
C ARG A 243 17.06 9.40 -16.12
N GLN A 244 16.21 9.45 -15.09
CA GLN A 244 16.11 10.62 -14.22
C GLN A 244 17.16 10.53 -13.16
N SER A 245 17.34 11.53 -12.36
CA SER A 245 18.29 11.16 -11.35
C SER A 245 17.72 10.67 -10.07
N LEU A 246 16.58 10.00 -10.17
CA LEU A 246 15.64 9.95 -9.04
C LEU A 246 15.11 8.57 -8.79
N LYS A 247 14.97 8.25 -7.50
CA LYS A 247 14.61 6.91 -7.09
C LYS A 247 13.14 6.87 -6.75
N VAL A 248 12.51 5.72 -7.01
CA VAL A 248 11.13 5.50 -6.61
C VAL A 248 11.14 4.83 -5.23
N ALA A 249 10.43 5.44 -4.28
CA ALA A 249 10.16 4.81 -2.96
C ALA A 249 11.43 4.67 -2.14
N CYS A 250 12.29 5.67 -2.27
CA CYS A 250 13.45 5.79 -1.35
C CYS A 250 12.95 6.43 -0.05
N LEU A 251 12.81 5.60 0.99
CA LEU A 251 12.13 6.04 2.23
C LEU A 251 12.77 7.27 2.85
N GLU A 252 14.10 7.32 2.88
CA GLU A 252 14.79 8.37 3.59
C GLU A 252 14.58 9.69 2.85
N GLU A 253 14.62 9.61 1.53
CA GLU A 253 14.31 10.77 0.67
C GLU A 253 12.92 11.31 0.97
N ILE A 254 11.94 10.43 0.96
CA ILE A 254 10.57 10.84 1.22
C ILE A 254 10.42 11.44 2.59
N ALA A 255 11.11 10.87 3.59
CA ALA A 255 10.99 11.41 4.93
C ALA A 255 11.55 12.84 4.96
N TYR A 256 12.61 13.07 4.21
CA TYR A 256 13.19 14.43 4.16
C TYR A 256 12.27 15.42 3.39
N ARG A 257 11.80 15.00 2.22
CA ARG A 257 10.93 15.87 1.37
C ARG A 257 9.60 16.19 2.07
N MET A 258 9.12 15.27 2.92
CA MET A 258 7.88 15.46 3.67
C MET A 258 8.10 16.27 4.95
N GLY A 259 9.36 16.54 5.25
CA GLY A 259 9.71 17.29 6.46
C GLY A 259 9.63 16.46 7.77
N TYR A 260 9.57 15.12 7.63
CA TYR A 260 9.58 14.25 8.84
C TYR A 260 10.96 14.24 9.50
N ILE A 261 12.01 14.44 8.68
CA ILE A 261 13.36 14.58 9.17
C ILE A 261 14.00 15.78 8.54
N SER A 262 15.06 16.29 9.16
CA SER A 262 15.78 17.49 8.69
C SER A 262 16.84 17.14 7.65
N ARG A 263 17.45 18.16 7.04
CA ARG A 263 18.62 17.89 6.19
C ARG A 263 19.75 17.31 7.02
N GLU A 264 19.90 17.79 8.25
CA GLU A 264 20.95 17.27 9.17
C GLU A 264 20.74 15.79 9.43
N GLN A 265 19.49 15.40 9.64
CA GLN A 265 19.20 14.00 9.93
C GLN A 265 19.45 13.12 8.70
N LEU A 266 19.13 13.65 7.51
CA LEU A 266 19.39 12.94 6.27
C LEU A 266 20.87 12.69 6.07
N ILE A 267 21.67 13.73 6.30
CA ILE A 267 23.10 13.59 6.20
C ILE A 267 23.57 12.44 7.09
N LYS A 268 22.99 12.35 8.29
CA LYS A 268 23.44 11.34 9.26
C LYS A 268 23.02 9.92 8.83
N LEU A 269 21.87 9.80 8.14
CA LEU A 269 21.48 8.50 7.55
C LEU A 269 22.40 8.14 6.41
N ALA A 270 22.83 9.15 5.61
CA ALA A 270 23.66 8.85 4.44
C ALA A 270 25.08 8.36 4.82
N GLU A 271 25.65 8.94 5.88
CA GLU A 271 27.07 8.75 6.20
C GLU A 271 27.53 7.29 6.25
N PRO A 272 26.82 6.46 7.02
CA PRO A 272 27.25 5.06 7.12
C PRO A 272 26.99 4.25 5.84
N LEU A 273 26.23 4.82 4.91
CA LEU A 273 25.90 4.14 3.65
C LEU A 273 26.73 4.67 2.47
N MET A 274 27.72 5.50 2.77
CA MET A 274 28.44 6.17 1.69
C MET A 274 29.24 5.23 0.76
N LYS A 275 29.48 3.99 1.20
CA LYS A 275 30.12 3.02 0.30
C LYS A 275 29.28 2.53 -0.89
N ASN A 276 27.96 2.73 -0.82
CA ASN A 276 27.07 2.18 -1.83
C ASN A 276 26.28 3.26 -2.52
N GLU A 277 25.65 2.92 -3.63
CA GLU A 277 25.02 3.94 -4.46
C GLU A 277 23.82 4.54 -3.73
N TYR A 278 23.17 3.74 -2.89
CA TYR A 278 21.97 4.24 -2.14
C TYR A 278 22.35 5.35 -1.17
N GLY A 279 23.38 5.13 -0.39
CA GLY A 279 23.88 6.18 0.50
C GLY A 279 24.31 7.42 -0.28
N GLN A 280 25.00 7.22 -1.38
CA GLN A 280 25.46 8.34 -2.18
C GLN A 280 24.30 9.18 -2.74
N TYR A 281 23.21 8.51 -3.10
CA TYR A 281 21.98 9.17 -3.56
C TYR A 281 21.40 10.05 -2.46
N LEU A 282 21.34 9.50 -1.25
CA LEU A 282 20.86 10.27 -0.12
C LEU A 282 21.74 11.50 0.11
N MET A 283 23.05 11.33 0.01
CA MET A 283 23.94 12.48 0.32
C MET A 283 23.82 13.55 -0.78
N ASN A 284 23.71 13.12 -2.04
CA ASN A 284 23.44 14.04 -3.16
C ASN A 284 22.17 14.83 -2.96
N LEU A 285 21.13 14.18 -2.45
CA LEU A 285 19.89 14.87 -2.11
C LEU A 285 20.08 15.89 -1.00
N ALA A 286 20.85 15.54 0.01
CA ALA A 286 21.12 16.45 1.09
C ALA A 286 21.91 17.66 0.57
N HIS A 287 22.75 17.44 -0.45
CA HIS A 287 23.66 18.48 -0.93
C HIS A 287 22.92 19.51 -1.78
N ARG A 288 21.81 19.09 -2.38
CA ARG A 288 21.03 20.01 -3.18
C ARG A 288 19.73 20.40 -2.50
PA TTP B . -3.06 -12.98 -1.10
O1A TTP B . -4.51 -12.50 -1.27
O2A TTP B . -2.72 -14.15 -0.16
O3A TTP B . -2.59 -13.41 -2.62
PB TTP B . -1.08 -13.91 -3.06
O1B TTP B . -0.86 -13.39 -4.48
O2B TTP B . -0.09 -13.53 -1.95
O3B TTP B . -1.20 -15.54 -3.04
PG TTP B . -1.06 -16.68 -4.23
O1G TTP B . -2.33 -16.60 -5.05
O2G TTP B . 0.19 -16.37 -5.03
O3G TTP B . -0.95 -17.92 -3.37
O5' TTP B . -2.15 -11.69 -0.64
C5' TTP B . -2.07 -10.53 -1.47
C4' TTP B . -1.81 -9.29 -0.63
O4' TTP B . -2.81 -9.30 0.44
C3' TTP B . -0.41 -9.44 0.02
O3' TTP B . 0.21 -8.15 0.46
C2' TTP B . -0.76 -10.28 1.27
C1' TTP B . -2.15 -9.78 1.63
N1 TTP B . -3.05 -10.65 2.41
C2 TTP B . -2.86 -10.66 3.74
O2 TTP B . -1.83 -10.15 4.23
N3 TTP B . -3.70 -11.26 4.57
C4 TTP B . -4.82 -11.81 4.11
O4 TTP B . -5.68 -12.33 4.97
C5 TTP B . -5.09 -11.82 2.64
C5M TTP B . -6.35 -12.45 2.10
C6 TTP B . -4.18 -11.16 1.83
PA TTP C . 4.82 13.38 -7.36
O1A TTP C . 3.39 13.11 -7.78
O2A TTP C . 5.06 13.89 -5.98
O3A TTP C . 5.67 14.30 -8.40
PB TTP C . 5.17 14.70 -9.88
O1B TTP C . 5.56 13.71 -10.99
O2B TTP C . 3.78 15.17 -9.72
O3B TTP C . 6.12 15.94 -10.20
PG TTP C . 6.05 17.42 -9.58
O1G TTP C . 5.73 18.33 -10.75
O2G TTP C . 4.94 17.37 -8.54
O3G TTP C . 7.46 17.53 -9.07
O5' TTP C . 5.60 11.99 -7.52
C5' TTP C . 5.52 11.22 -8.71
C4' TTP C . 5.68 9.75 -8.35
O4' TTP C . 6.88 9.66 -7.61
C3' TTP C . 4.56 9.30 -7.38
O3' TTP C . 4.25 7.97 -7.72
C2' TTP C . 5.21 9.42 -5.99
C1' TTP C . 6.66 9.07 -6.31
N1 TTP C . 7.62 9.71 -5.40
C2 TTP C . 8.61 8.93 -4.80
O2 TTP C . 8.65 7.72 -5.01
N3 TTP C . 9.56 9.47 -4.01
C4 TTP C . 9.55 10.80 -3.79
O4 TTP C . 10.48 11.41 -3.04
C5 TTP C . 8.50 11.66 -4.42
C5M TTP C . 8.52 13.14 -4.16
C6 TTP C . 7.57 11.04 -5.23
S SO4 D . 14.40 3.09 14.39
O1 SO4 D . 14.49 3.86 13.10
O2 SO4 D . 13.11 3.36 15.16
O3 SO4 D . 14.64 1.66 14.06
O4 SO4 D . 15.53 3.52 15.24
S SO4 E . -18.78 11.33 -5.45
O1 SO4 E . -18.50 12.43 -6.37
O2 SO4 E . -19.25 11.87 -4.17
O3 SO4 E . -19.84 10.48 -6.03
O4 SO4 E . -17.54 10.56 -5.24
#